data_4U9C
#
_entry.id   4U9C
#
_cell.length_a   59.870
_cell.length_b   65.020
_cell.length_c   83.390
_cell.angle_alpha   90.00
_cell.angle_beta   105.87
_cell.angle_gamma   90.00
#
_symmetry.space_group_name_H-M   'P 1 21 1'
#
loop_
_entity.id
_entity.type
_entity.pdbx_description
1 polymer 'Lactoferrin-binding protein B'
2 water water
#
_entity_poly.entity_id   1
_entity_poly.type   'polypeptide(L)'
_entity_poly.pdbx_seq_one_letter_code
;IGGNFGVQPVVESTPTAYPVTFKSKDVPTPPPAGSSVETTPVNRPAVGAAMRLPRRNIASYKQDGTEIPDKHQAEEHLPL
KEKDILFLDGTLKEQADKLKKKINERYSDVRVITSKKEEEKYQYQFVRAGYVFTRAEGKDNEKEKTSDGKEFVNRFSYDG
FVYYSGERPSQSLPSAGTVQYSGNWQYMTDAKRHRTGKAVSSTDLGYTTYYGNEIGATSYEARDADDREKHPAEYTVDFD
NKTLNGKLIKNQYVQNKSNPNEPKKPLTIYDITATLDGNRFTGSAKVSTEVKTQHADKEYLFFHTDADQRLEGGFFGDNG
EELAGRFISNDNSVFGVFAGKQKTET
;
_entity_poly.pdbx_strand_id   A,B
#
# COMPACT_ATOMS: atom_id res chain seq x y z
N PRO A 41 -7.65 -17.18 6.80
CA PRO A 41 -6.73 -16.56 5.84
C PRO A 41 -5.98 -17.60 5.01
N VAL A 42 -5.09 -18.38 5.59
CA VAL A 42 -4.47 -19.46 4.83
C VAL A 42 -5.58 -20.43 4.35
N ASN A 43 -6.64 -20.57 5.14
CA ASN A 43 -7.74 -21.50 4.83
C ASN A 43 -9.01 -20.80 4.35
N ARG A 44 -8.93 -19.50 4.13
CA ARG A 44 -10.10 -18.74 3.70
C ARG A 44 -10.54 -19.14 2.30
N PRO A 45 -11.84 -19.47 2.12
CA PRO A 45 -12.30 -19.70 0.76
C PRO A 45 -12.27 -18.43 -0.10
N ALA A 46 -11.94 -18.57 -1.37
CA ALA A 46 -11.84 -17.40 -2.23
C ALA A 46 -12.06 -17.79 -3.69
N VAL A 47 -12.43 -16.81 -4.52
CA VAL A 47 -12.49 -17.01 -5.96
C VAL A 47 -11.28 -16.37 -6.66
N GLY A 48 -10.28 -15.98 -5.88
CA GLY A 48 -9.06 -15.44 -6.42
C GLY A 48 -8.10 -15.10 -5.30
N ALA A 49 -6.82 -15.36 -5.54
CA ALA A 49 -5.77 -15.05 -4.57
C ALA A 49 -4.46 -14.79 -5.28
N ALA A 50 -3.66 -13.92 -4.69
CA ALA A 50 -2.39 -13.52 -5.31
C ALA A 50 -1.36 -13.32 -4.22
N MET A 51 -0.09 -13.46 -4.59
CA MET A 51 1.04 -13.16 -3.74
C MET A 51 1.97 -12.21 -4.44
N ARG A 52 2.37 -11.16 -3.73
CA ARG A 52 3.28 -10.18 -4.31
C ARG A 52 4.74 -10.64 -4.14
N LEU A 53 5.58 -10.25 -5.08
CA LEU A 53 7.01 -10.54 -5.02
C LEU A 53 7.65 -10.04 -3.71
N PRO A 54 8.26 -10.96 -2.95
CA PRO A 54 8.99 -10.50 -1.77
C PRO A 54 10.33 -9.92 -2.18
N ARG A 55 10.71 -8.82 -1.56
CA ARG A 55 11.94 -8.13 -1.90
C ARG A 55 12.67 -7.86 -0.59
N ARG A 56 13.71 -8.64 -0.34
CA ARG A 56 14.35 -8.59 0.96
C ARG A 56 15.25 -7.36 1.04
N ASN A 57 15.46 -6.93 2.28
CA ASN A 57 16.30 -5.78 2.59
C ASN A 57 17.76 -6.16 2.52
N ILE A 58 18.44 -5.69 1.47
CA ILE A 58 19.84 -6.02 1.23
C ILE A 58 20.78 -4.94 1.76
N ALA A 59 20.24 -4.00 2.53
CA ALA A 59 21.07 -2.93 3.11
C ALA A 59 22.10 -3.55 4.04
N SER A 60 23.28 -2.95 4.10
CA SER A 60 24.38 -3.46 4.91
C SER A 60 24.80 -2.44 5.95
N TYR A 61 23.93 -1.47 6.22
CA TYR A 61 24.11 -0.52 7.31
C TYR A 61 22.88 -0.49 8.19
N LYS A 62 23.08 -0.04 9.41
CA LYS A 62 22.03 0.09 10.40
C LYS A 62 21.36 1.48 10.32
N PRO A 69 27.76 -5.79 10.07
CA PRO A 69 28.54 -6.72 10.90
C PRO A 69 28.57 -8.15 10.31
N ASP A 70 29.76 -8.73 10.26
CA ASP A 70 29.97 -10.07 9.71
C ASP A 70 29.46 -10.14 8.26
N LYS A 71 29.57 -9.03 7.54
CA LYS A 71 29.32 -9.02 6.10
C LYS A 71 27.85 -9.35 5.77
N HIS A 72 27.00 -9.31 6.79
CA HIS A 72 25.58 -9.65 6.63
C HIS A 72 24.75 -8.47 6.14
N GLN A 73 23.63 -8.77 5.49
CA GLN A 73 22.66 -7.75 5.12
C GLN A 73 21.54 -7.72 6.15
N ALA A 74 20.71 -6.68 6.10
CA ALA A 74 19.66 -6.46 7.10
C ALA A 74 18.69 -7.62 7.15
N GLU A 75 18.44 -8.23 6.01
CA GLU A 75 17.43 -9.27 5.92
C GLU A 75 17.89 -10.35 4.96
N GLU A 76 18.53 -11.39 5.46
CA GLU A 76 19.10 -12.39 4.58
C GLU A 76 18.10 -13.44 4.18
N HIS A 77 16.99 -13.49 4.90
CA HIS A 77 15.88 -14.35 4.51
C HIS A 77 14.58 -13.62 4.73
N LEU A 78 13.79 -13.54 3.69
CA LEU A 78 12.44 -13.00 3.78
C LEU A 78 11.41 -14.06 3.37
N PRO A 79 10.89 -14.82 4.35
CA PRO A 79 9.81 -15.75 4.05
C PRO A 79 8.56 -14.98 3.61
N LEU A 80 7.62 -15.67 2.97
CA LEU A 80 6.31 -15.09 2.67
C LEU A 80 5.51 -15.01 3.98
N LYS A 81 4.34 -14.38 3.96
CA LYS A 81 3.46 -14.34 5.13
C LYS A 81 2.06 -14.68 4.67
N GLU A 82 1.33 -15.46 5.46
CA GLU A 82 -0.06 -15.81 5.09
C GLU A 82 -0.94 -14.54 4.98
N LYS A 83 -0.67 -13.51 5.77
CA LYS A 83 -1.43 -12.26 5.74
C LYS A 83 -1.28 -11.48 4.43
N ASP A 84 -0.21 -11.77 3.71
CA ASP A 84 0.08 -11.06 2.46
C ASP A 84 -0.60 -11.73 1.27
N ILE A 85 -1.33 -12.82 1.54
CA ILE A 85 -2.18 -13.40 0.51
C ILE A 85 -3.26 -12.39 0.23
N LEU A 86 -3.28 -11.91 -1.01
CA LEU A 86 -4.21 -10.88 -1.42
C LEU A 86 -5.43 -11.54 -2.07
N PHE A 87 -6.59 -11.44 -1.43
CA PHE A 87 -7.78 -12.10 -1.95
C PHE A 87 -8.51 -11.23 -2.96
N LEU A 88 -8.94 -11.84 -4.06
CA LEU A 88 -9.49 -11.11 -5.19
C LEU A 88 -10.93 -11.53 -5.44
N ASP A 89 -11.74 -10.63 -5.99
CA ASP A 89 -13.08 -11.00 -6.44
C ASP A 89 -13.43 -10.22 -7.71
N GLY A 90 -14.60 -10.51 -8.27
CA GLY A 90 -15.02 -9.87 -9.50
C GLY A 90 -14.67 -10.75 -10.67
N THR A 91 -14.87 -10.22 -11.87
CA THR A 91 -14.61 -10.97 -13.09
C THR A 91 -13.12 -11.28 -13.22
N LEU A 92 -12.79 -12.19 -14.12
CA LEU A 92 -11.39 -12.51 -14.39
C LEU A 92 -10.62 -11.23 -14.72
N LYS A 93 -11.24 -10.38 -15.53
CA LYS A 93 -10.62 -9.14 -15.94
C LYS A 93 -10.44 -8.20 -14.77
N GLU A 94 -11.49 -8.04 -13.99
CA GLU A 94 -11.43 -7.18 -12.81
C GLU A 94 -10.29 -7.59 -11.89
N GLN A 95 -10.20 -8.89 -11.62
CA GLN A 95 -9.15 -9.38 -10.75
C GLN A 95 -7.76 -9.07 -11.28
N ALA A 96 -7.51 -9.36 -12.56
CA ALA A 96 -6.21 -9.08 -13.13
C ALA A 96 -5.91 -7.57 -13.12
N ASP A 97 -6.90 -6.75 -13.42
CA ASP A 97 -6.72 -5.30 -13.48
C ASP A 97 -6.30 -4.73 -12.14
N LYS A 98 -6.85 -5.28 -11.06
CA LYS A 98 -6.49 -4.84 -9.72
C LYS A 98 -5.00 -5.03 -9.48
N LEU A 99 -4.46 -6.13 -9.98
CA LEU A 99 -3.04 -6.43 -9.77
C LEU A 99 -2.19 -5.50 -10.62
N LYS A 100 -2.63 -5.25 -11.85
CA LYS A 100 -1.91 -4.33 -12.70
C LYS A 100 -1.95 -2.92 -12.10
N LYS A 101 -3.10 -2.55 -11.54
CA LYS A 101 -3.25 -1.27 -10.86
C LYS A 101 -2.22 -1.08 -9.74
N LYS A 102 -2.06 -2.10 -8.89
CA LYS A 102 -1.12 -2.00 -7.78
C LYS A 102 0.30 -1.80 -8.28
N ILE A 103 0.65 -2.47 -9.37
CA ILE A 103 1.96 -2.23 -9.95
C ILE A 103 2.06 -0.77 -10.39
N ASN A 104 1.02 -0.28 -11.06
CA ASN A 104 1.06 1.08 -11.61
C ASN A 104 1.02 2.13 -10.51
N GLU A 105 0.47 1.76 -9.37
CA GLU A 105 0.47 2.64 -8.21
C GLU A 105 1.90 2.86 -7.69
N ARG A 106 2.78 1.90 -7.93
CA ARG A 106 4.18 2.02 -7.53
C ARG A 106 4.97 2.73 -8.62
N TYR A 107 4.68 2.40 -9.87
CA TYR A 107 5.34 3.00 -11.03
C TYR A 107 4.33 3.28 -12.12
N SER A 108 4.04 4.54 -12.40
CA SER A 108 3.03 4.87 -13.40
C SER A 108 3.47 4.50 -14.84
N ASP A 109 4.78 4.43 -15.06
CA ASP A 109 5.35 4.39 -16.42
C ASP A 109 6.22 3.17 -16.75
N VAL A 110 5.96 2.03 -16.13
CA VAL A 110 6.74 0.83 -16.39
C VAL A 110 6.04 -0.13 -17.33
N ARG A 111 6.84 -0.90 -18.05
CA ARG A 111 6.32 -1.97 -18.90
C ARG A 111 5.87 -3.12 -18.00
N VAL A 112 4.64 -3.56 -18.24
CA VAL A 112 4.10 -4.66 -17.48
C VAL A 112 4.01 -5.88 -18.40
N ILE A 113 4.48 -7.01 -17.89
CA ILE A 113 4.38 -8.28 -18.59
C ILE A 113 3.33 -9.17 -17.91
N THR A 114 2.52 -9.85 -18.74
CA THR A 114 1.46 -10.74 -18.27
C THR A 114 1.59 -12.17 -18.78
N SER A 115 0.77 -13.05 -18.20
CA SER A 115 0.76 -14.46 -18.56
C SER A 115 -0.18 -14.72 -19.73
N LYS A 116 -0.60 -13.66 -20.43
CA LYS A 116 -1.62 -13.83 -21.47
C LYS A 116 -1.21 -14.82 -22.56
N LYS A 117 0.00 -14.65 -23.09
CA LYS A 117 0.49 -15.55 -24.13
C LYS A 117 0.58 -16.97 -23.61
N GLU A 118 1.06 -17.11 -22.38
CA GLU A 118 1.28 -18.43 -21.83
C GLU A 118 -0.02 -19.18 -21.66
N GLU A 119 -1.06 -18.48 -21.22
CA GLU A 119 -2.32 -19.14 -20.88
C GLU A 119 -3.28 -19.31 -22.07
N GLU A 120 -2.92 -18.78 -23.23
CA GLU A 120 -3.78 -18.95 -24.41
C GLU A 120 -4.03 -20.41 -24.74
N LYS A 121 -2.97 -21.21 -24.73
CA LYS A 121 -3.05 -22.64 -25.08
C LYS A 121 -4.16 -23.38 -24.35
N TYR A 122 -4.50 -22.93 -23.13
CA TYR A 122 -5.42 -23.69 -22.29
C TYR A 122 -6.87 -23.34 -22.62
N GLN A 123 -7.07 -22.15 -23.18
CA GLN A 123 -8.41 -21.70 -23.56
C GLN A 123 -9.36 -21.85 -22.38
N TYR A 124 -8.92 -21.43 -21.21
CA TYR A 124 -9.75 -21.47 -20.03
C TYR A 124 -10.95 -20.56 -20.21
N GLN A 125 -12.11 -21.02 -19.76
CA GLN A 125 -13.32 -20.22 -19.80
C GLN A 125 -13.54 -19.47 -18.48
N PHE A 126 -13.27 -20.15 -17.37
CA PHE A 126 -13.68 -19.66 -16.05
C PHE A 126 -12.55 -19.47 -15.05
N VAL A 127 -11.35 -19.91 -15.38
CA VAL A 127 -10.22 -19.84 -14.45
C VAL A 127 -8.95 -19.29 -15.09
N ARG A 128 -8.05 -18.82 -14.22
CA ARG A 128 -6.73 -18.37 -14.63
C ARG A 128 -5.73 -18.78 -13.57
N ALA A 129 -4.55 -19.18 -14.02
CA ALA A 129 -3.40 -19.26 -13.13
C ALA A 129 -2.28 -18.50 -13.83
N GLY A 130 -2.07 -17.26 -13.42
CA GLY A 130 -1.24 -16.36 -14.17
C GLY A 130 -0.30 -15.53 -13.33
N TYR A 131 0.27 -14.52 -13.99
CA TYR A 131 1.16 -13.58 -13.34
C TYR A 131 1.12 -12.23 -14.04
N VAL A 132 1.49 -11.19 -13.28
CA VAL A 132 1.75 -9.88 -13.86
C VAL A 132 2.96 -9.30 -13.13
N PHE A 133 3.90 -8.74 -13.88
CA PHE A 133 5.14 -8.24 -13.30
C PHE A 133 5.79 -7.18 -14.16
N THR A 134 6.80 -6.55 -13.57
CA THR A 134 7.62 -5.55 -14.26
C THR A 134 9.07 -5.75 -13.87
N ARG A 135 9.96 -5.48 -14.82
CA ARG A 135 11.39 -5.46 -14.55
C ARG A 135 11.82 -4.07 -14.08
N ALA A 136 10.89 -3.12 -14.17
CA ALA A 136 11.13 -1.74 -13.72
C ALA A 136 12.43 -1.18 -14.28
N GLU A 137 12.60 -1.27 -15.59
CA GLU A 137 13.83 -0.79 -16.21
C GLU A 137 14.07 0.69 -15.89
N GLY A 138 15.29 1.00 -15.47
CA GLY A 138 15.71 2.37 -15.21
C GLY A 138 15.24 2.93 -13.87
N LYS A 139 14.56 2.11 -13.08
CA LYS A 139 14.07 2.55 -11.79
C LYS A 139 15.07 2.23 -10.68
N ASP A 140 15.20 3.15 -9.73
CA ASP A 140 16.05 2.95 -8.56
C ASP A 140 15.40 1.97 -7.60
N ASN A 141 16.21 1.37 -6.74
CA ASN A 141 15.69 0.54 -5.67
C ASN A 141 14.92 1.38 -4.67
N GLU A 142 14.05 0.73 -3.92
CA GLU A 142 13.41 1.34 -2.77
C GLU A 142 14.45 1.54 -1.69
N LYS A 143 14.64 2.78 -1.27
CA LYS A 143 15.67 3.14 -0.29
C LYS A 143 15.15 4.00 0.88
N GLU A 144 15.73 3.79 2.05
CA GLU A 144 15.60 4.67 3.21
C GLU A 144 17.04 4.86 3.71
N LYS A 145 17.39 6.06 4.16
CA LYS A 145 18.80 6.45 4.13
C LYS A 145 19.50 6.87 5.41
N THR A 146 20.81 7.03 5.24
CA THR A 146 21.81 7.16 6.28
C THR A 146 21.57 8.23 7.34
N SER A 147 21.48 9.48 6.91
CA SER A 147 21.55 10.65 7.81
C SER A 147 23.00 10.80 8.28
N GLU A 151 22.35 3.83 3.86
CA GLU A 151 21.20 2.98 3.51
C GLU A 151 20.99 1.89 4.54
N PHE A 152 19.89 2.01 5.26
CA PHE A 152 19.47 0.98 6.20
C PHE A 152 18.27 0.22 5.67
N VAL A 153 17.70 0.72 4.57
CA VAL A 153 16.73 -0.05 3.79
C VAL A 153 17.09 0.03 2.30
N ASN A 154 17.16 -1.13 1.68
CA ASN A 154 17.38 -1.23 0.24
C ASN A 154 16.64 -2.47 -0.25
N ARG A 155 15.59 -2.24 -1.03
CA ARG A 155 14.78 -3.31 -1.61
C ARG A 155 14.70 -3.11 -3.11
N PHE A 156 14.73 -4.21 -3.86
CA PHE A 156 14.74 -4.17 -5.33
C PHE A 156 13.58 -3.42 -5.99
N SER A 157 13.85 -2.91 -7.17
CA SER A 157 12.88 -2.14 -7.91
C SER A 157 11.87 -2.97 -8.66
N TYR A 158 12.18 -4.25 -8.87
CA TYR A 158 11.27 -5.21 -9.53
C TYR A 158 9.94 -5.30 -8.77
N ASP A 159 8.90 -5.82 -9.41
CA ASP A 159 7.65 -6.07 -8.73
C ASP A 159 6.85 -7.07 -9.55
N GLY A 160 5.88 -7.71 -8.94
CA GLY A 160 5.06 -8.68 -9.66
C GLY A 160 4.17 -9.47 -8.74
N PHE A 161 3.22 -10.19 -9.32
CA PHE A 161 2.31 -11.09 -8.59
C PHE A 161 2.22 -12.43 -9.29
N VAL A 162 1.97 -13.51 -8.56
CA VAL A 162 1.34 -14.69 -9.18
C VAL A 162 -0.03 -14.82 -8.55
N TYR A 163 -0.98 -15.36 -9.31
CA TYR A 163 -2.36 -15.39 -8.85
C TYR A 163 -3.16 -16.47 -9.55
N TYR A 164 -4.26 -16.87 -8.90
CA TYR A 164 -5.32 -17.59 -9.58
C TYR A 164 -6.57 -16.74 -9.50
N SER A 165 -7.45 -16.97 -10.46
CA SER A 165 -8.75 -16.30 -10.52
C SER A 165 -9.79 -17.33 -10.93
N GLY A 166 -11.00 -17.17 -10.43
CA GLY A 166 -12.11 -18.01 -10.82
C GLY A 166 -13.40 -17.20 -10.91
N GLU A 167 -14.24 -17.54 -11.88
CA GLU A 167 -15.57 -16.94 -12.06
C GLU A 167 -16.63 -18.03 -12.08
N ARG A 168 -17.81 -17.71 -11.55
CA ARG A 168 -18.93 -18.64 -11.53
C ARG A 168 -18.58 -19.95 -10.85
N PRO A 169 -18.37 -19.90 -9.53
CA PRO A 169 -18.16 -21.16 -8.81
C PRO A 169 -19.32 -22.11 -9.06
N SER A 170 -19.00 -23.38 -9.25
CA SER A 170 -19.98 -24.38 -9.67
C SER A 170 -21.07 -24.56 -8.63
N GLN A 171 -22.32 -24.46 -9.06
CA GLN A 171 -23.47 -24.66 -8.17
C GLN A 171 -23.97 -26.10 -8.24
N SER A 172 -23.43 -26.87 -9.16
CA SER A 172 -23.69 -28.29 -9.19
C SER A 172 -22.42 -29.01 -9.66
N LEU A 173 -22.18 -30.16 -9.07
CA LEU A 173 -21.08 -31.03 -9.46
C LEU A 173 -21.60 -32.42 -9.64
N PRO A 174 -20.86 -33.27 -10.37
CA PRO A 174 -21.24 -34.68 -10.51
C PRO A 174 -21.31 -35.37 -9.15
N SER A 175 -22.28 -36.25 -8.94
CA SER A 175 -22.40 -36.99 -7.70
C SER A 175 -21.61 -38.29 -7.74
N ALA A 176 -21.04 -38.58 -8.90
CA ALA A 176 -20.36 -39.85 -9.10
C ALA A 176 -19.45 -39.76 -10.31
N GLY A 177 -18.54 -40.73 -10.41
CA GLY A 177 -17.63 -40.83 -11.53
C GLY A 177 -16.28 -40.19 -11.26
N THR A 178 -15.31 -40.50 -12.13
CA THR A 178 -13.97 -39.92 -12.07
C THR A 178 -13.71 -39.06 -13.32
N VAL A 179 -13.07 -37.91 -13.11
CA VAL A 179 -12.88 -36.93 -14.17
C VAL A 179 -11.41 -36.46 -14.20
N GLN A 180 -10.80 -36.49 -15.38
CA GLN A 180 -9.44 -36.01 -15.61
C GLN A 180 -9.47 -34.53 -15.96
N TYR A 181 -8.55 -33.77 -15.36
CA TYR A 181 -8.32 -32.37 -15.68
C TYR A 181 -6.86 -32.16 -16.10
N SER A 182 -6.62 -31.17 -16.97
CA SER A 182 -5.26 -30.75 -17.25
C SER A 182 -5.21 -29.22 -17.21
N GLY A 183 -4.04 -28.66 -16.92
CA GLY A 183 -3.90 -27.22 -16.78
C GLY A 183 -2.46 -26.80 -16.50
N ASN A 184 -2.31 -25.85 -15.59
CA ASN A 184 -0.99 -25.26 -15.34
C ASN A 184 -0.93 -24.73 -13.93
N TRP A 185 0.26 -24.28 -13.53
CA TRP A 185 0.42 -23.63 -12.22
C TRP A 185 1.46 -22.54 -12.32
N GLN A 186 1.49 -21.67 -11.32
CA GLN A 186 2.53 -20.64 -11.19
C GLN A 186 3.01 -20.71 -9.75
N TYR A 187 4.12 -20.05 -9.45
CA TYR A 187 4.58 -19.97 -8.08
C TYR A 187 5.47 -18.73 -7.82
N MET A 188 5.52 -18.40 -6.55
CA MET A 188 6.33 -17.30 -5.99
C MET A 188 7.01 -17.85 -4.75
N THR A 189 8.33 -17.70 -4.63
CA THR A 189 9.06 -18.21 -3.46
C THR A 189 9.55 -17.09 -2.55
N ASP A 190 10.03 -17.48 -1.38
CA ASP A 190 10.72 -16.55 -0.49
C ASP A 190 12.00 -16.02 -1.15
N ALA A 191 12.59 -15.01 -0.52
CA ALA A 191 13.87 -14.47 -0.95
C ALA A 191 14.92 -14.91 0.07
N LYS A 192 16.02 -15.51 -0.41
CA LYS A 192 17.01 -16.06 0.51
C LYS A 192 18.41 -15.89 -0.06
N ARG A 193 19.27 -15.22 0.69
CA ARG A 193 20.62 -14.92 0.23
C ARG A 193 21.42 -16.19 0.01
N HIS A 194 21.36 -17.13 0.95
CA HIS A 194 22.11 -18.38 0.84
C HIS A 194 21.24 -19.61 1.00
N ARG A 195 20.98 -20.29 -0.11
CA ARG A 195 20.18 -21.51 -0.11
C ARG A 195 21.06 -22.75 0.03
N THR A 196 22.34 -22.58 -0.26
CA THR A 196 23.32 -23.66 -0.15
C THR A 196 24.70 -23.11 0.21
N GLY A 197 25.59 -23.98 0.67
CA GLY A 197 26.95 -23.58 1.01
C GLY A 197 27.82 -23.26 -0.18
N SER A 202 22.06 -17.17 -9.35
CA SER A 202 20.67 -17.48 -9.64
C SER A 202 20.57 -18.25 -10.95
N THR A 203 21.55 -18.03 -11.83
CA THR A 203 21.56 -18.64 -13.16
C THR A 203 21.85 -20.14 -13.10
N ASP A 204 22.81 -20.54 -12.26
CA ASP A 204 23.08 -21.94 -11.98
C ASP A 204 21.83 -22.67 -11.46
N LEU A 205 21.02 -21.93 -10.70
CA LEU A 205 19.84 -22.50 -10.06
C LEU A 205 18.60 -22.38 -10.94
N GLY A 206 18.77 -21.86 -12.15
CA GLY A 206 17.70 -21.91 -13.14
C GLY A 206 16.79 -20.69 -13.22
N TYR A 207 17.20 -19.58 -12.60
CA TYR A 207 16.41 -18.35 -12.63
C TYR A 207 17.19 -17.18 -13.22
N THR A 208 16.45 -16.25 -13.80
CA THR A 208 16.99 -14.94 -14.17
C THR A 208 17.78 -14.36 -13.00
N THR A 209 18.83 -13.61 -13.29
CA THR A 209 19.66 -13.00 -12.25
C THR A 209 18.87 -12.33 -11.10
N TYR A 210 19.30 -12.61 -9.87
CA TYR A 210 18.73 -12.08 -8.61
C TYR A 210 17.53 -12.87 -8.11
N TYR A 211 16.74 -13.43 -9.03
CA TYR A 211 15.50 -14.10 -8.61
C TYR A 211 15.82 -15.31 -7.76
N GLY A 212 15.19 -15.35 -6.60
CA GLY A 212 15.50 -16.36 -5.60
C GLY A 212 16.33 -15.78 -4.46
N ASN A 213 17.15 -14.78 -4.77
CA ASN A 213 18.06 -14.21 -3.80
C ASN A 213 17.55 -12.88 -3.25
N GLU A 214 17.74 -11.79 -4.00
CA GLU A 214 17.36 -10.48 -3.52
C GLU A 214 15.85 -10.30 -3.57
N ILE A 215 15.21 -11.06 -4.45
CA ILE A 215 13.74 -11.10 -4.54
C ILE A 215 13.33 -12.56 -4.71
N GLY A 216 12.05 -12.84 -4.52
CA GLY A 216 11.54 -14.19 -4.68
C GLY A 216 11.78 -14.78 -6.06
N ALA A 217 11.96 -16.09 -6.11
CA ALA A 217 11.97 -16.82 -7.36
C ALA A 217 10.51 -16.98 -7.80
N THR A 218 10.30 -17.01 -9.10
CA THR A 218 8.95 -17.08 -9.66
C THR A 218 8.92 -18.02 -10.86
N SER A 219 7.72 -18.48 -11.21
CA SER A 219 7.56 -19.30 -12.39
C SER A 219 7.89 -18.52 -13.66
N TYR A 220 7.66 -17.21 -13.64
CA TYR A 220 7.87 -16.39 -14.84
C TYR A 220 9.33 -15.97 -15.04
N GLU A 221 10.20 -16.33 -14.10
CA GLU A 221 11.62 -16.10 -14.26
C GLU A 221 12.38 -17.42 -14.31
N ALA A 222 11.65 -18.52 -14.51
CA ALA A 222 12.25 -19.84 -14.69
C ALA A 222 12.90 -19.91 -16.08
N ARG A 223 14.19 -20.18 -16.09
CA ARG A 223 14.96 -20.19 -17.32
C ARG A 223 15.31 -21.59 -17.78
N ASP A 224 15.18 -22.57 -16.88
CA ASP A 224 15.57 -23.95 -17.18
C ASP A 224 14.38 -24.86 -17.50
N ALA A 225 13.31 -24.30 -18.04
CA ALA A 225 12.12 -25.09 -18.38
C ALA A 225 11.87 -25.12 -19.89
N ASP A 226 10.96 -25.99 -20.29
CA ASP A 226 10.54 -26.11 -21.69
C ASP A 226 9.57 -25.00 -22.09
N ASP A 227 10.01 -24.11 -22.97
CA ASP A 227 9.21 -22.95 -23.35
C ASP A 227 7.91 -23.34 -24.04
N ARG A 228 7.80 -24.58 -24.46
CA ARG A 228 6.58 -25.04 -25.08
C ARG A 228 5.44 -25.04 -24.07
N GLU A 229 5.79 -25.41 -22.83
CA GLU A 229 4.83 -25.44 -21.73
C GLU A 229 5.66 -25.68 -20.49
N LYS A 230 5.96 -24.62 -19.75
CA LYS A 230 6.93 -24.69 -18.69
C LYS A 230 6.40 -25.46 -17.47
N HIS A 231 5.15 -25.19 -17.11
CA HIS A 231 4.60 -25.65 -15.84
C HIS A 231 3.19 -26.22 -16.02
N PRO A 232 3.09 -27.40 -16.64
CA PRO A 232 1.81 -28.09 -16.79
C PRO A 232 1.31 -28.66 -15.46
N ALA A 233 0.02 -28.93 -15.34
CA ALA A 233 -0.54 -29.59 -14.16
C ALA A 233 -1.55 -30.63 -14.63
N GLU A 234 -1.68 -31.71 -13.86
CA GLU A 234 -2.61 -32.79 -14.17
C GLU A 234 -3.38 -33.10 -12.92
N TYR A 235 -4.67 -33.39 -13.06
CA TYR A 235 -5.50 -33.72 -11.92
C TYR A 235 -6.50 -34.82 -12.23
N THR A 236 -6.83 -35.60 -11.21
CA THR A 236 -7.89 -36.59 -11.27
C THR A 236 -8.85 -36.35 -10.10
N VAL A 237 -10.11 -36.16 -10.40
CA VAL A 237 -11.13 -35.93 -9.37
C VAL A 237 -12.07 -37.11 -9.27
N ASP A 238 -12.13 -37.69 -8.08
CA ASP A 238 -12.99 -38.83 -7.82
C ASP A 238 -14.25 -38.34 -7.11
N PHE A 239 -15.33 -38.23 -7.88
CA PHE A 239 -16.58 -37.72 -7.33
C PHE A 239 -17.37 -38.80 -6.63
N ASP A 240 -16.86 -40.03 -6.65
CA ASP A 240 -17.43 -41.09 -5.85
C ASP A 240 -16.90 -40.93 -4.42
N ASN A 241 -15.58 -40.99 -4.28
CA ASN A 241 -14.92 -40.91 -2.99
C ASN A 241 -14.68 -39.49 -2.51
N LYS A 242 -14.98 -38.50 -3.36
CA LYS A 242 -14.84 -37.08 -3.01
C LYS A 242 -13.37 -36.70 -2.75
N THR A 243 -12.53 -36.97 -3.74
CA THR A 243 -11.11 -36.68 -3.63
C THR A 243 -10.59 -36.06 -4.90
N LEU A 244 -9.50 -35.31 -4.74
CA LEU A 244 -8.75 -34.77 -5.86
C LEU A 244 -7.30 -35.19 -5.65
N ASN A 245 -6.69 -35.72 -6.70
CA ASN A 245 -5.25 -35.97 -6.70
C ASN A 245 -4.67 -35.31 -7.92
N GLY A 246 -3.44 -34.80 -7.80
CA GLY A 246 -2.81 -34.11 -8.91
C GLY A 246 -1.31 -33.98 -8.81
N LYS A 247 -0.73 -33.45 -9.89
CA LYS A 247 0.69 -33.21 -9.99
C LYS A 247 0.95 -31.85 -10.61
N LEU A 248 1.79 -31.06 -9.95
CA LEU A 248 2.29 -29.81 -10.48
C LEU A 248 3.68 -30.06 -10.98
N ILE A 249 3.86 -29.92 -12.29
CA ILE A 249 5.02 -30.45 -13.00
C ILE A 249 5.84 -29.33 -13.62
N LYS A 250 7.14 -29.54 -13.72
CA LYS A 250 7.99 -28.68 -14.56
C LYS A 250 8.51 -29.49 -15.73
N ASN A 251 8.23 -29.01 -16.94
CA ASN A 251 8.83 -29.57 -18.14
C ASN A 251 10.24 -29.03 -18.25
N GLN A 252 11.21 -29.92 -18.07
CA GLN A 252 12.60 -29.51 -18.00
C GLN A 252 13.04 -29.15 -19.40
N TYR A 253 14.05 -28.29 -19.47
CA TYR A 253 14.62 -27.86 -20.74
C TYR A 253 15.09 -29.06 -21.57
N VAL A 254 14.77 -29.05 -22.86
CA VAL A 254 15.22 -30.09 -23.78
C VAL A 254 16.13 -29.53 -24.89
N ASN A 259 10.01 -31.24 -33.65
CA ASN A 259 10.51 -30.71 -32.38
C ASN A 259 9.33 -30.25 -31.52
N PRO A 260 8.24 -29.74 -32.14
CA PRO A 260 7.08 -29.46 -31.29
C PRO A 260 6.58 -30.76 -30.66
N ASN A 261 6.85 -31.88 -31.32
CA ASN A 261 6.49 -33.20 -30.82
C ASN A 261 7.71 -33.93 -30.21
N GLU A 262 8.78 -33.18 -29.97
CA GLU A 262 9.93 -33.68 -29.22
C GLU A 262 9.42 -34.15 -27.85
N PRO A 263 9.92 -35.31 -27.37
CA PRO A 263 9.43 -35.78 -26.07
C PRO A 263 9.75 -34.82 -24.92
N LYS A 264 8.81 -34.65 -24.00
CA LYS A 264 9.00 -33.75 -22.88
C LYS A 264 9.78 -34.47 -21.79
N LYS A 265 10.33 -33.72 -20.85
CA LYS A 265 11.01 -34.31 -19.71
C LYS A 265 10.37 -33.78 -18.43
N PRO A 266 9.13 -34.20 -18.20
CA PRO A 266 8.43 -33.72 -17.00
C PRO A 266 9.20 -34.08 -15.75
N LEU A 267 9.13 -33.19 -14.77
CA LEU A 267 9.57 -33.45 -13.41
C LEU A 267 8.45 -32.99 -12.48
N THR A 268 7.86 -33.91 -11.74
CA THR A 268 6.82 -33.55 -10.78
C THR A 268 7.47 -32.76 -9.66
N ILE A 269 6.95 -31.57 -9.37
CA ILE A 269 7.45 -30.77 -8.26
C ILE A 269 6.62 -31.05 -7.00
N TYR A 270 5.29 -31.01 -7.15
CA TYR A 270 4.36 -31.34 -6.07
C TYR A 270 3.32 -32.40 -6.46
N ASP A 271 3.08 -33.29 -5.52
CA ASP A 271 1.90 -34.15 -5.49
C ASP A 271 0.80 -33.46 -4.68
N ILE A 272 -0.36 -33.32 -5.29
CA ILE A 272 -1.54 -32.72 -4.66
C ILE A 272 -2.51 -33.80 -4.23
N THR A 273 -3.06 -33.63 -3.02
CA THR A 273 -4.15 -34.41 -2.50
C THR A 273 -5.16 -33.48 -1.83
N ALA A 274 -6.44 -33.76 -1.97
CA ALA A 274 -7.46 -32.91 -1.37
C ALA A 274 -8.80 -33.66 -1.28
N THR A 275 -9.64 -33.21 -0.35
CA THR A 275 -10.96 -33.75 -0.18
C THR A 275 -11.95 -32.70 -0.64
N LEU A 276 -13.03 -33.15 -1.27
CA LEU A 276 -14.06 -32.28 -1.78
C LEU A 276 -15.08 -31.93 -0.70
N ASP A 277 -15.64 -30.74 -0.78
CA ASP A 277 -16.69 -30.33 0.14
C ASP A 277 -17.50 -29.23 -0.53
N GLY A 278 -18.70 -29.56 -0.98
CA GLY A 278 -19.44 -28.61 -1.79
C GLY A 278 -18.67 -28.41 -3.08
N ASN A 279 -18.51 -27.14 -3.50
CA ASN A 279 -17.74 -26.80 -4.68
C ASN A 279 -16.33 -26.36 -4.35
N ARG A 280 -15.87 -26.73 -3.16
CA ARG A 280 -14.50 -26.45 -2.73
C ARG A 280 -13.74 -27.74 -2.51
N PHE A 281 -12.42 -27.61 -2.39
CA PHE A 281 -11.60 -28.70 -1.90
C PHE A 281 -10.43 -28.13 -1.11
N THR A 282 -10.02 -28.89 -0.12
CA THR A 282 -8.99 -28.51 0.83
C THR A 282 -8.05 -29.68 0.96
N GLY A 283 -6.75 -29.39 1.01
CA GLY A 283 -5.80 -30.46 1.17
C GLY A 283 -4.36 -30.00 1.26
N SER A 284 -3.47 -30.75 0.65
CA SER A 284 -2.04 -30.53 0.80
C SER A 284 -1.31 -30.57 -0.52
N ALA A 285 -0.18 -29.86 -0.60
CA ALA A 285 0.82 -30.02 -1.65
C ALA A 285 2.08 -30.58 -1.01
N LYS A 286 2.58 -31.67 -1.56
CA LYS A 286 3.77 -32.32 -1.03
C LYS A 286 4.87 -32.39 -2.06
N VAL A 287 6.06 -31.96 -1.63
CA VAL A 287 7.22 -32.01 -2.48
C VAL A 287 7.42 -33.47 -2.93
N SER A 288 7.64 -33.64 -4.22
CA SER A 288 7.80 -34.94 -4.84
C SER A 288 9.02 -35.67 -4.34
N THR A 289 8.92 -36.99 -4.34
CA THR A 289 10.04 -37.86 -4.03
C THR A 289 11.21 -37.57 -4.96
N GLU A 290 10.89 -37.37 -6.24
CA GLU A 290 11.89 -37.05 -7.25
C GLU A 290 12.67 -35.77 -6.91
N VAL A 291 11.99 -34.69 -6.51
CA VAL A 291 12.71 -33.45 -6.20
C VAL A 291 13.67 -33.62 -5.02
N LYS A 292 13.19 -34.23 -3.95
CA LYS A 292 14.00 -34.37 -2.74
C LYS A 292 15.21 -35.25 -2.92
N THR A 293 15.06 -36.35 -3.65
CA THR A 293 16.11 -37.36 -3.75
C THR A 293 16.98 -37.21 -4.98
N GLN A 294 16.45 -36.67 -6.07
CA GLN A 294 17.18 -36.63 -7.32
C GLN A 294 17.52 -35.21 -7.76
N HIS A 295 17.01 -34.20 -7.08
CA HIS A 295 17.29 -32.81 -7.47
C HIS A 295 17.58 -31.98 -6.26
N ALA A 296 18.30 -32.60 -5.32
CA ALA A 296 18.63 -31.98 -4.06
C ALA A 296 19.44 -30.69 -4.23
N ASP A 297 20.19 -30.59 -5.33
CA ASP A 297 21.13 -29.48 -5.50
C ASP A 297 20.56 -28.28 -6.26
N LYS A 298 19.32 -28.40 -6.73
CA LYS A 298 18.68 -27.28 -7.43
C LYS A 298 17.22 -27.12 -7.01
N GLU A 299 16.29 -27.84 -7.65
CA GLU A 299 14.88 -27.62 -7.39
C GLU A 299 14.56 -27.75 -5.90
N TYR A 300 15.22 -28.66 -5.23
CA TYR A 300 14.99 -28.87 -3.81
C TYR A 300 15.38 -27.62 -3.00
N LEU A 301 16.29 -26.81 -3.53
CA LEU A 301 16.68 -25.60 -2.81
C LEU A 301 15.51 -24.62 -2.73
N PHE A 302 14.49 -24.82 -3.57
CA PHE A 302 13.32 -23.97 -3.62
C PHE A 302 12.06 -24.66 -3.14
N PHE A 303 11.93 -25.93 -3.50
CA PHE A 303 10.79 -26.75 -3.13
C PHE A 303 11.23 -27.84 -2.14
N HIS A 304 11.12 -27.52 -0.86
CA HIS A 304 11.66 -28.37 0.18
C HIS A 304 10.71 -28.65 1.32
N THR A 305 9.61 -27.90 1.40
CA THR A 305 8.67 -28.08 2.52
C THR A 305 7.27 -28.23 1.98
N ASP A 306 6.52 -29.16 2.57
CA ASP A 306 5.14 -29.42 2.13
C ASP A 306 4.21 -28.28 2.56
N ALA A 307 3.05 -28.26 1.94
CA ALA A 307 1.98 -27.39 2.37
C ALA A 307 0.84 -28.25 2.89
N ASP A 308 0.90 -28.56 4.19
CA ASP A 308 -0.04 -29.48 4.82
C ASP A 308 -1.32 -28.79 5.23
N GLN A 309 -2.44 -29.24 4.67
CA GLN A 309 -3.74 -28.64 4.95
C GLN A 309 -3.73 -27.14 4.66
N ARG A 310 -2.92 -26.75 3.67
CA ARG A 310 -2.76 -25.35 3.33
C ARG A 310 -2.91 -25.14 1.84
N LEU A 311 -3.57 -26.08 1.19
CA LEU A 311 -3.99 -25.95 -0.21
C LEU A 311 -5.51 -25.83 -0.20
N GLU A 312 -6.01 -24.84 -0.95
CA GLU A 312 -7.43 -24.55 -1.05
C GLU A 312 -7.75 -24.23 -2.49
N GLY A 313 -8.85 -24.77 -2.99
CA GLY A 313 -9.34 -24.41 -4.32
C GLY A 313 -10.81 -24.70 -4.43
N GLY A 314 -11.32 -24.64 -5.66
CA GLY A 314 -12.72 -24.91 -5.89
C GLY A 314 -12.98 -25.12 -7.37
N PHE A 315 -14.21 -25.50 -7.68
CA PHE A 315 -14.65 -25.74 -9.05
C PHE A 315 -15.40 -24.54 -9.59
N PHE A 316 -15.20 -24.28 -10.87
CA PHE A 316 -15.82 -23.14 -11.52
C PHE A 316 -16.41 -23.59 -12.84
N GLY A 317 -17.45 -22.90 -13.29
CA GLY A 317 -18.17 -23.35 -14.46
C GLY A 317 -19.33 -24.27 -14.12
N ASP A 318 -20.23 -24.43 -15.09
CA ASP A 318 -21.39 -25.32 -14.97
C ASP A 318 -20.99 -26.80 -14.86
N ASN A 319 -21.00 -27.36 -13.65
CA ASN A 319 -20.69 -28.77 -13.37
C ASN A 319 -19.19 -29.07 -13.23
N GLY A 320 -18.43 -28.06 -12.79
CA GLY A 320 -17.03 -28.25 -12.52
C GLY A 320 -16.17 -28.46 -13.76
N GLU A 321 -16.44 -27.77 -14.87
CA GLU A 321 -15.61 -27.90 -16.07
C GLU A 321 -14.17 -27.53 -15.76
N GLU A 322 -13.97 -26.63 -14.81
CA GLU A 322 -12.65 -26.15 -14.46
C GLU A 322 -12.47 -26.06 -12.95
N LEU A 323 -11.22 -25.89 -12.52
CA LEU A 323 -10.90 -25.82 -11.10
C LEU A 323 -9.72 -24.90 -10.96
N ALA A 324 -9.55 -24.33 -9.79
CA ALA A 324 -8.39 -23.47 -9.53
C ALA A 324 -8.17 -23.32 -8.05
N GLY A 325 -6.97 -22.92 -7.67
CA GLY A 325 -6.66 -22.72 -6.28
C GLY A 325 -5.25 -22.24 -5.99
N ARG A 326 -4.90 -22.35 -4.72
CA ARG A 326 -3.67 -21.80 -4.16
C ARG A 326 -3.15 -22.74 -3.06
N PHE A 327 -1.87 -22.59 -2.73
CA PHE A 327 -1.33 -23.24 -1.56
C PHE A 327 -0.16 -22.43 -1.06
N ILE A 328 0.18 -22.58 0.22
CA ILE A 328 1.35 -21.92 0.73
C ILE A 328 2.05 -22.89 1.66
N SER A 329 3.35 -23.11 1.43
CA SER A 329 4.06 -24.13 2.18
C SER A 329 4.11 -23.79 3.67
N ASN A 330 4.37 -24.80 4.49
CA ASN A 330 4.28 -24.66 5.95
C ASN A 330 5.21 -23.60 6.53
N ASP A 331 6.41 -23.45 5.96
CA ASP A 331 7.40 -22.49 6.42
C ASP A 331 7.38 -21.23 5.57
N ASN A 332 6.31 -21.06 4.80
CA ASN A 332 6.10 -19.87 3.97
C ASN A 332 7.20 -19.64 2.96
N SER A 333 7.72 -20.74 2.41
CA SER A 333 8.79 -20.68 1.43
C SER A 333 8.30 -20.61 -0.02
N VAL A 334 7.08 -21.10 -0.26
CA VAL A 334 6.48 -21.08 -1.57
C VAL A 334 4.98 -20.81 -1.51
N PHE A 335 4.54 -19.93 -2.39
CA PHE A 335 3.12 -19.73 -2.66
C PHE A 335 2.86 -20.19 -4.09
N GLY A 336 1.95 -21.15 -4.26
CA GLY A 336 1.61 -21.68 -5.55
C GLY A 336 0.14 -21.43 -5.90
N VAL A 337 -0.12 -21.30 -7.20
CA VAL A 337 -1.47 -21.19 -7.71
C VAL A 337 -1.62 -22.15 -8.88
N PHE A 338 -2.84 -22.64 -9.12
CA PHE A 338 -3.03 -23.66 -10.13
C PHE A 338 -4.44 -23.61 -10.69
N ALA A 339 -4.56 -24.12 -11.90
CA ALA A 339 -5.82 -24.13 -12.62
C ALA A 339 -5.88 -25.40 -13.48
N GLY A 340 -7.09 -25.77 -13.87
CA GLY A 340 -7.28 -26.97 -14.67
C GLY A 340 -8.61 -26.96 -15.36
N LYS A 341 -8.70 -27.74 -16.43
CA LYS A 341 -9.89 -27.87 -17.26
C LYS A 341 -10.14 -29.35 -17.57
N GLN A 342 -11.41 -29.75 -17.59
CA GLN A 342 -11.75 -31.13 -17.92
C GLN A 342 -11.17 -31.52 -19.26
N LYS A 343 -10.63 -32.74 -19.34
CA LYS A 343 -10.04 -33.23 -20.58
C LYS A 343 -11.10 -33.51 -21.63
N PRO B 41 1.65 30.48 -5.18
CA PRO B 41 0.49 29.73 -4.66
C PRO B 41 0.97 28.39 -4.11
N VAL B 42 1.29 27.49 -5.03
CA VAL B 42 2.06 26.32 -4.67
C VAL B 42 3.48 26.77 -4.32
N ASN B 43 3.95 27.84 -4.96
CA ASN B 43 5.34 28.26 -4.83
C ASN B 43 5.57 29.50 -3.97
N ARG B 44 4.49 30.09 -3.46
CA ARG B 44 4.56 31.36 -2.74
C ARG B 44 5.43 31.24 -1.48
N PRO B 45 6.45 32.10 -1.36
CA PRO B 45 7.17 32.14 -0.08
C PRO B 45 6.26 32.72 0.98
N ALA B 46 6.32 32.24 2.21
CA ALA B 46 5.40 32.71 3.23
C ALA B 46 5.97 32.53 4.63
N VAL B 47 5.43 33.30 5.57
CA VAL B 47 5.72 33.10 6.98
C VAL B 47 4.53 32.40 7.68
N GLY B 48 3.58 31.92 6.88
CA GLY B 48 2.47 31.15 7.41
C GLY B 48 1.46 30.73 6.36
N ALA B 49 0.93 29.52 6.50
CA ALA B 49 -0.08 29.03 5.57
C ALA B 49 -1.02 28.03 6.24
N ALA B 50 -2.27 28.02 5.79
CA ALA B 50 -3.29 27.18 6.41
C ALA B 50 -4.24 26.63 5.36
N MET B 51 -4.86 25.49 5.69
CA MET B 51 -5.93 24.91 4.86
C MET B 51 -7.15 24.61 5.74
N ARG B 52 -8.32 25.03 5.29
CA ARG B 52 -9.55 24.81 6.05
C ARG B 52 -10.19 23.47 5.72
N LEU B 53 -10.88 22.93 6.71
CA LEU B 53 -11.60 21.66 6.56
C LEU B 53 -12.59 21.67 5.42
N PRO B 54 -12.42 20.75 4.44
CA PRO B 54 -13.41 20.63 3.37
C PRO B 54 -14.63 19.85 3.83
N ARG B 55 -15.81 20.26 3.38
CA ARG B 55 -17.07 19.64 3.79
C ARG B 55 -17.94 19.31 2.58
N ARG B 56 -18.01 18.05 2.17
CA ARG B 56 -18.67 17.74 0.91
C ARG B 56 -20.19 17.69 1.04
N ASN B 57 -20.86 17.94 -0.06
CA ASN B 57 -22.32 17.93 -0.13
C ASN B 57 -22.85 16.51 -0.15
N ILE B 58 -23.42 16.08 0.99
CA ILE B 58 -23.90 14.70 1.11
C ILE B 58 -25.39 14.58 0.78
N ALA B 59 -25.97 15.63 0.20
CA ALA B 59 -27.37 15.63 -0.21
C ALA B 59 -27.64 14.57 -1.29
N SER B 60 -28.84 13.99 -1.29
CA SER B 60 -29.17 12.96 -2.28
C SER B 60 -30.35 13.35 -3.15
N TYR B 61 -30.68 14.64 -3.17
CA TYR B 61 -31.67 15.18 -4.10
C TYR B 61 -31.09 16.36 -4.87
N LYS B 62 -31.64 16.64 -6.05
CA LYS B 62 -31.24 17.83 -6.79
C LYS B 62 -32.12 18.99 -6.36
N GLN B 63 -31.79 20.17 -6.85
CA GLN B 63 -32.52 21.37 -6.48
C GLN B 63 -33.93 21.34 -7.06
N ASP B 64 -34.15 20.56 -8.11
CA ASP B 64 -35.51 20.44 -8.65
C ASP B 64 -36.32 19.37 -7.91
N GLY B 65 -35.75 18.79 -6.86
CA GLY B 65 -36.45 17.79 -6.07
C GLY B 65 -36.31 16.38 -6.59
N THR B 66 -35.65 16.21 -7.73
CA THR B 66 -35.49 14.88 -8.30
C THR B 66 -34.34 14.15 -7.62
N GLU B 67 -34.50 12.84 -7.42
CA GLU B 67 -33.46 12.01 -6.82
C GLU B 67 -32.18 12.04 -7.63
N ILE B 68 -31.05 12.04 -6.93
CA ILE B 68 -29.79 11.87 -7.62
C ILE B 68 -29.71 10.41 -8.05
N PRO B 69 -29.35 10.17 -9.32
CA PRO B 69 -29.39 8.82 -9.88
C PRO B 69 -28.34 7.86 -9.33
N ASP B 70 -28.71 6.59 -9.23
CA ASP B 70 -27.78 5.53 -8.84
C ASP B 70 -27.24 5.65 -7.41
N LYS B 71 -28.12 5.98 -6.46
CA LYS B 71 -27.77 5.93 -5.03
C LYS B 71 -26.73 7.00 -4.63
N HIS B 72 -26.36 7.88 -5.55
CA HIS B 72 -25.26 8.80 -5.28
C HIS B 72 -25.67 10.04 -4.50
N GLN B 73 -24.72 10.63 -3.81
CA GLN B 73 -24.93 11.91 -3.17
C GLN B 73 -24.43 12.98 -4.13
N ALA B 74 -24.73 14.23 -3.84
CA ALA B 74 -24.45 15.34 -4.74
C ALA B 74 -22.95 15.50 -5.01
N GLU B 75 -22.14 15.25 -4.00
CA GLU B 75 -20.71 15.49 -4.10
C GLU B 75 -19.94 14.41 -3.35
N GLU B 76 -19.55 13.36 -4.07
CA GLU B 76 -18.94 12.19 -3.43
C GLU B 76 -17.43 12.35 -3.25
N HIS B 77 -16.86 13.31 -3.96
CA HIS B 77 -15.46 13.65 -3.80
C HIS B 77 -15.24 15.15 -3.86
N LEU B 78 -14.64 15.68 -2.81
CA LEU B 78 -14.25 17.09 -2.77
C LEU B 78 -12.74 17.21 -2.52
N PRO B 79 -11.94 17.38 -3.59
CA PRO B 79 -10.51 17.66 -3.45
C PRO B 79 -10.28 19.02 -2.82
N LEU B 80 -9.08 19.26 -2.30
CA LEU B 80 -8.70 20.59 -1.84
C LEU B 80 -8.43 21.46 -3.09
N LYS B 81 -8.22 22.75 -2.89
CA LYS B 81 -7.90 23.64 -4.00
C LYS B 81 -6.74 24.50 -3.55
N GLU B 82 -5.80 24.74 -4.45
CA GLU B 82 -4.68 25.59 -4.13
C GLU B 82 -5.13 27.02 -3.81
N LYS B 83 -6.21 27.48 -4.43
CA LYS B 83 -6.71 28.83 -4.19
C LYS B 83 -7.13 28.98 -2.74
N ASP B 84 -7.43 27.85 -2.10
CA ASP B 84 -7.93 27.86 -0.72
C ASP B 84 -6.82 27.82 0.31
N ILE B 85 -5.58 27.73 -0.13
CA ILE B 85 -4.45 27.88 0.78
C ILE B 85 -4.48 29.30 1.31
N LEU B 86 -4.61 29.43 2.62
CA LEU B 86 -4.73 30.73 3.26
C LEU B 86 -3.37 31.19 3.77
N PHE B 87 -2.85 32.26 3.21
CA PHE B 87 -1.53 32.77 3.58
C PHE B 87 -1.62 33.75 4.74
N LEU B 88 -0.70 33.62 5.68
CA LEU B 88 -0.76 34.32 6.96
C LEU B 88 0.48 35.18 7.20
N ASP B 89 0.35 36.24 7.97
CA ASP B 89 1.51 37.00 8.43
C ASP B 89 1.29 37.52 9.85
N GLY B 90 2.34 38.14 10.40
CA GLY B 90 2.32 38.61 11.78
C GLY B 90 2.98 37.58 12.70
N THR B 91 2.93 37.85 14.00
CA THR B 91 3.53 36.95 14.99
C THR B 91 2.81 35.61 15.02
N LEU B 92 3.43 34.64 15.71
CA LEU B 92 2.82 33.33 15.90
C LEU B 92 1.42 33.45 16.51
N LYS B 93 1.29 34.28 17.55
CA LYS B 93 0.00 34.45 18.21
C LYS B 93 -1.05 35.08 17.30
N GLU B 94 -0.67 36.15 16.60
CA GLU B 94 -1.56 36.82 15.66
C GLU B 94 -2.10 35.85 14.61
N GLN B 95 -1.21 35.03 14.03
CA GLN B 95 -1.60 34.05 13.00
C GLN B 95 -2.61 33.06 13.56
N ALA B 96 -2.33 32.50 14.73
CA ALA B 96 -3.26 31.56 15.36
C ALA B 96 -4.59 32.25 15.65
N ASP B 97 -4.52 33.49 16.11
CA ASP B 97 -5.71 34.26 16.45
C ASP B 97 -6.56 34.50 15.21
N LYS B 98 -5.92 34.72 14.08
CA LYS B 98 -6.65 34.93 12.84
C LYS B 98 -7.46 33.70 12.46
N LEU B 99 -6.89 32.52 12.66
CA LEU B 99 -7.58 31.30 12.28
C LEU B 99 -8.74 31.01 13.23
N LYS B 100 -8.53 31.24 14.52
CA LYS B 100 -9.60 31.06 15.52
C LYS B 100 -10.73 32.06 15.24
N LYS B 101 -10.34 33.27 14.87
CA LYS B 101 -11.27 34.31 14.46
C LYS B 101 -12.15 33.83 13.32
N LYS B 102 -11.52 33.20 12.32
CA LYS B 102 -12.26 32.71 11.16
C LYS B 102 -13.29 31.64 11.57
N ILE B 103 -12.91 30.77 12.50
CA ILE B 103 -13.83 29.76 13.00
C ILE B 103 -15.04 30.43 13.64
N ASN B 104 -14.78 31.42 14.48
CA ASN B 104 -15.86 32.10 15.19
C ASN B 104 -16.71 33.00 14.29
N GLU B 105 -16.16 33.44 13.16
CA GLU B 105 -16.94 34.20 12.20
C GLU B 105 -18.05 33.33 11.62
N ARG B 106 -17.83 32.02 11.57
CA ARG B 106 -18.83 31.12 11.02
C ARG B 106 -19.87 30.74 12.07
N TYR B 107 -19.40 30.48 13.30
CA TYR B 107 -20.27 30.25 14.45
C TYR B 107 -19.64 30.83 15.70
N SER B 108 -20.27 31.87 16.23
CA SER B 108 -19.74 32.62 17.37
C SER B 108 -19.71 31.83 18.68
N ASP B 109 -20.50 30.77 18.77
CA ASP B 109 -20.71 30.10 20.06
C ASP B 109 -20.25 28.64 20.07
N VAL B 110 -19.24 28.29 19.27
CA VAL B 110 -18.69 26.95 19.32
C VAL B 110 -17.35 26.99 20.04
N ARG B 111 -17.06 25.94 20.78
CA ARG B 111 -15.80 25.81 21.46
C ARG B 111 -14.70 25.37 20.49
N VAL B 112 -13.52 25.96 20.65
CA VAL B 112 -12.37 25.64 19.83
C VAL B 112 -11.33 24.84 20.61
N ILE B 113 -10.78 23.83 19.95
CA ILE B 113 -9.65 23.07 20.47
C ILE B 113 -8.40 23.45 19.65
N THR B 114 -7.25 23.54 20.31
CA THR B 114 -5.99 23.86 19.64
C THR B 114 -4.93 22.78 19.84
N SER B 115 -3.84 22.92 19.10
CA SER B 115 -2.71 22.02 19.19
C SER B 115 -1.69 22.46 20.24
N LYS B 116 -2.06 23.45 21.05
CA LYS B 116 -1.11 24.02 22.01
C LYS B 116 -0.59 22.90 22.94
N LYS B 117 -1.49 22.04 23.39
CA LYS B 117 -1.12 20.92 24.23
C LYS B 117 -0.17 19.97 23.48
N GLU B 118 -0.47 19.69 22.21
CA GLU B 118 0.33 18.76 21.43
C GLU B 118 1.76 19.26 21.16
N GLU B 119 1.90 20.56 20.90
CA GLU B 119 3.18 21.12 20.50
C GLU B 119 4.07 21.49 21.69
N GLU B 120 3.56 21.28 22.91
CA GLU B 120 4.35 21.54 24.11
C GLU B 120 5.70 20.82 24.03
N LYS B 121 5.66 19.54 23.64
CA LYS B 121 6.85 18.69 23.58
C LYS B 121 8.05 19.34 22.93
N TYR B 122 7.77 20.14 21.91
CA TYR B 122 8.81 20.61 20.99
C TYR B 122 9.49 21.91 21.43
N GLN B 123 8.82 22.69 22.26
CA GLN B 123 9.37 23.96 22.76
C GLN B 123 9.91 24.81 21.62
N TYR B 124 9.11 24.92 20.56
CA TYR B 124 9.46 25.76 19.43
C TYR B 124 9.53 27.22 19.85
N GLN B 125 10.54 27.93 19.36
CA GLN B 125 10.68 29.36 19.60
C GLN B 125 10.09 30.21 18.47
N PHE B 126 10.26 29.76 17.23
CA PHE B 126 9.98 30.63 16.09
C PHE B 126 8.97 30.05 15.11
N VAL B 127 8.61 28.78 15.29
CA VAL B 127 7.73 28.10 14.34
C VAL B 127 6.58 27.35 15.03
N ARG B 128 5.54 27.06 14.26
CA ARG B 128 4.44 26.20 14.69
C ARG B 128 4.02 25.33 13.51
N ALA B 129 3.66 24.08 13.81
CA ALA B 129 2.89 23.24 12.89
C ALA B 129 1.72 22.71 13.68
N GLY B 130 0.57 23.38 13.54
CA GLY B 130 -0.53 23.16 14.45
C GLY B 130 -1.91 23.03 13.84
N TYR B 131 -2.91 23.09 14.70
CA TYR B 131 -4.31 23.01 14.26
C TYR B 131 -5.23 23.78 15.20
N VAL B 132 -6.38 24.17 14.68
CA VAL B 132 -7.46 24.71 15.49
C VAL B 132 -8.74 24.19 14.86
N PHE B 133 -9.66 23.69 15.68
CA PHE B 133 -10.87 23.10 15.14
C PHE B 133 -12.02 23.13 16.13
N THR B 134 -13.20 22.79 15.64
CA THR B 134 -14.38 22.62 16.50
C THR B 134 -15.21 21.41 16.05
N ARG B 135 -15.86 20.76 17.01
CA ARG B 135 -16.82 19.69 16.73
C ARG B 135 -18.23 20.26 16.56
N ALA B 136 -18.38 21.54 16.88
CA ALA B 136 -19.66 22.24 16.72
C ALA B 136 -20.85 21.47 17.28
N GLU B 137 -20.74 20.98 18.50
CA GLU B 137 -21.84 20.21 19.11
C GLU B 137 -23.10 21.06 19.18
N GLY B 138 -24.23 20.43 18.84
CA GLY B 138 -25.53 21.07 18.91
C GLY B 138 -25.84 21.93 17.71
N LYS B 139 -24.92 21.95 16.74
CA LYS B 139 -25.15 22.68 15.50
C LYS B 139 -25.70 21.76 14.44
N ASP B 140 -26.73 22.21 13.74
CA ASP B 140 -27.28 21.43 12.66
C ASP B 140 -26.29 21.51 11.52
N ASN B 141 -26.38 20.59 10.58
CA ASN B 141 -25.59 20.67 9.36
C ASN B 141 -26.04 21.88 8.53
N GLU B 142 -25.15 22.38 7.67
CA GLU B 142 -25.52 23.40 6.70
C GLU B 142 -26.44 22.78 5.65
N LYS B 143 -27.65 23.32 5.51
CA LYS B 143 -28.61 22.74 4.57
C LYS B 143 -29.28 23.79 3.69
N GLU B 144 -29.61 23.37 2.47
CA GLU B 144 -30.52 24.10 1.63
C GLU B 144 -31.54 23.10 1.10
N LYS B 145 -32.80 23.51 1.09
CA LYS B 145 -33.90 22.59 0.84
C LYS B 145 -34.92 23.15 -0.15
N THR B 146 -35.65 22.25 -0.79
CA THR B 146 -36.70 22.61 -1.73
C THR B 146 -37.94 23.01 -0.97
N SER B 147 -38.99 23.40 -1.71
CA SER B 147 -40.23 23.84 -1.10
C SER B 147 -40.85 22.68 -0.33
N ASP B 148 -40.73 21.49 -0.91
CA ASP B 148 -41.28 20.27 -0.34
C ASP B 148 -40.41 19.73 0.79
N GLY B 149 -39.26 20.36 0.99
CA GLY B 149 -38.40 20.04 2.12
C GLY B 149 -37.29 19.06 1.83
N LYS B 150 -36.95 18.88 0.56
CA LYS B 150 -35.89 17.94 0.18
C LYS B 150 -34.56 18.64 0.17
N GLU B 151 -33.57 18.02 0.80
CA GLU B 151 -32.21 18.55 0.88
C GLU B 151 -31.40 18.38 -0.41
N PHE B 152 -31.04 19.49 -1.05
CA PHE B 152 -30.12 19.42 -2.21
C PHE B 152 -28.73 19.97 -1.84
N VAL B 153 -28.62 20.57 -0.67
CA VAL B 153 -27.32 20.87 -0.04
C VAL B 153 -27.37 20.39 1.42
N ASN B 154 -26.37 19.61 1.82
CA ASN B 154 -26.21 19.14 3.19
C ASN B 154 -24.72 19.04 3.45
N ARG B 155 -24.18 19.92 4.29
CA ARG B 155 -22.76 19.88 4.66
C ARG B 155 -22.59 19.87 6.16
N PHE B 156 -21.60 19.14 6.65
CA PHE B 156 -21.32 19.07 8.09
C PHE B 156 -20.99 20.46 8.61
N SER B 157 -21.28 20.69 9.89
CA SER B 157 -21.03 21.96 10.57
C SER B 157 -19.62 21.97 11.21
N TYR B 158 -18.92 20.84 11.16
CA TYR B 158 -17.55 20.82 11.66
C TYR B 158 -16.72 21.92 10.99
N ASP B 159 -15.61 22.27 11.61
CA ASP B 159 -14.70 23.27 11.07
C ASP B 159 -13.32 23.07 11.66
N GLY B 160 -12.32 23.56 10.95
CA GLY B 160 -10.95 23.51 11.42
C GLY B 160 -9.93 23.89 10.37
N PHE B 161 -8.71 24.14 10.85
CA PHE B 161 -7.53 24.42 10.03
C PHE B 161 -6.37 23.59 10.52
N VAL B 162 -5.48 23.23 9.60
CA VAL B 162 -4.10 22.91 9.94
C VAL B 162 -3.24 23.99 9.30
N TYR B 163 -2.11 24.29 9.92
CA TYR B 163 -1.30 25.43 9.51
C TYR B 163 0.13 25.36 9.99
N TYR B 164 1.00 26.10 9.31
CA TYR B 164 2.30 26.39 9.86
C TYR B 164 2.44 27.89 9.97
N SER B 165 3.30 28.29 10.90
CA SER B 165 3.64 29.68 11.15
C SER B 165 5.14 29.77 11.41
N GLY B 166 5.74 30.88 11.03
CA GLY B 166 7.14 31.12 11.31
C GLY B 166 7.37 32.58 11.66
N GLU B 167 8.29 32.84 12.57
CA GLU B 167 8.71 34.20 12.93
C GLU B 167 10.22 34.34 12.73
N ARG B 168 10.66 35.54 12.35
CA ARG B 168 12.07 35.87 12.17
C ARG B 168 12.73 34.95 11.15
N PRO B 169 12.39 35.13 9.86
CA PRO B 169 13.05 34.39 8.79
C PRO B 169 14.56 34.57 8.89
N SER B 170 15.32 33.51 8.67
CA SER B 170 16.75 33.51 8.95
C SER B 170 17.53 34.53 8.12
N GLN B 171 18.39 35.29 8.81
CA GLN B 171 19.24 36.28 8.17
C GLN B 171 20.62 35.67 7.90
N SER B 172 20.90 34.58 8.58
CA SER B 172 22.15 33.87 8.41
C SER B 172 21.93 32.40 8.59
N LEU B 173 22.61 31.62 7.76
CA LEU B 173 22.58 30.19 7.87
C LEU B 173 24.00 29.71 7.85
N PRO B 174 24.23 28.51 8.37
CA PRO B 174 25.57 27.95 8.34
C PRO B 174 26.12 27.85 6.92
N SER B 175 27.43 28.09 6.75
CA SER B 175 28.05 28.01 5.44
C SER B 175 28.56 26.61 5.15
N ALA B 176 28.46 25.73 6.15
CA ALA B 176 29.01 24.39 6.05
C ALA B 176 28.43 23.50 7.14
N GLY B 177 28.58 22.19 6.96
CA GLY B 177 28.16 21.22 7.95
C GLY B 177 26.77 20.70 7.71
N THR B 178 26.46 19.60 8.39
CA THR B 178 25.15 19.00 8.33
C THR B 178 24.50 19.13 9.70
N VAL B 179 23.22 19.43 9.70
CA VAL B 179 22.47 19.71 10.92
C VAL B 179 21.17 18.92 10.95
N GLN B 180 20.94 18.21 12.06
CA GLN B 180 19.70 17.51 12.30
C GLN B 180 18.65 18.43 12.93
N TYR B 181 17.43 18.34 12.42
CA TYR B 181 16.25 18.99 12.99
C TYR B 181 15.27 17.91 13.35
N SER B 182 14.49 18.10 14.41
CA SER B 182 13.38 17.20 14.69
C SER B 182 12.17 18.03 15.06
N GLY B 183 11.00 17.49 14.81
CA GLY B 183 9.77 18.22 15.05
C GLY B 183 8.54 17.40 14.72
N ASN B 184 7.59 18.02 14.02
CA ASN B 184 6.29 17.41 13.78
C ASN B 184 5.65 17.88 12.50
N TRP B 185 4.52 17.27 12.18
CA TRP B 185 3.74 17.71 11.04
C TRP B 185 2.26 17.52 11.34
N GLN B 186 1.45 18.21 10.54
CA GLN B 186 0.00 18.09 10.54
C GLN B 186 -0.46 17.90 9.09
N TYR B 187 -1.72 17.53 8.91
CA TYR B 187 -2.26 17.39 7.56
C TYR B 187 -3.77 17.51 7.53
N MET B 188 -4.26 17.84 6.34
CA MET B 188 -5.68 17.96 6.03
C MET B 188 -5.88 17.26 4.69
N THR B 189 -6.87 16.37 4.57
CA THR B 189 -7.12 15.65 3.32
C THR B 189 -8.41 16.07 2.63
N ASP B 190 -8.55 15.59 1.40
CA ASP B 190 -9.81 15.71 0.69
C ASP B 190 -10.93 14.95 1.43
N ALA B 191 -12.16 15.19 1.00
CA ALA B 191 -13.31 14.47 1.52
C ALA B 191 -13.76 13.50 0.44
N LYS B 192 -13.89 12.21 0.76
CA LYS B 192 -14.19 11.23 -0.27
C LYS B 192 -15.09 10.11 0.25
N ARG B 193 -16.26 9.92 -0.37
CA ARG B 193 -17.22 8.94 0.11
C ARG B 193 -16.72 7.51 0.06
N HIS B 194 -16.12 7.13 -1.07
CA HIS B 194 -15.63 5.76 -1.23
C HIS B 194 -14.15 5.74 -1.54
N ARG B 195 -13.34 5.35 -0.55
CA ARG B 195 -11.89 5.23 -0.74
C ARG B 195 -11.52 3.80 -1.11
N THR B 196 -12.44 2.87 -0.84
CA THR B 196 -12.26 1.48 -1.19
C THR B 196 -13.62 0.86 -1.54
N GLY B 197 -13.60 -0.27 -2.25
CA GLY B 197 -14.83 -0.94 -2.62
C GLY B 197 -15.48 -1.62 -1.43
N SER B 201 -15.95 1.71 7.64
CA SER B 201 -16.28 2.96 8.30
C SER B 201 -15.04 3.86 8.40
N SER B 202 -15.21 5.07 8.92
CA SER B 202 -14.08 5.98 9.08
C SER B 202 -13.18 5.53 10.23
N THR B 203 -13.79 4.88 11.22
CA THR B 203 -13.08 4.36 12.39
C THR B 203 -12.25 3.12 12.00
N ASP B 204 -12.81 2.29 11.12
CA ASP B 204 -12.07 1.16 10.57
C ASP B 204 -10.78 1.66 9.93
N LEU B 205 -10.83 2.85 9.37
CA LEU B 205 -9.68 3.44 8.68
C LEU B 205 -8.81 4.32 9.58
N GLY B 206 -9.14 4.36 10.87
CA GLY B 206 -8.29 4.98 11.86
C GLY B 206 -8.60 6.43 12.21
N TYR B 207 -9.75 6.93 11.77
CA TYR B 207 -10.17 8.31 12.09
C TYR B 207 -11.47 8.32 12.89
N THR B 208 -11.63 9.37 13.66
CA THR B 208 -12.90 9.68 14.28
C THR B 208 -14.00 9.59 13.22
N THR B 209 -15.19 9.16 13.65
CA THR B 209 -16.32 8.95 12.76
C THR B 209 -16.54 10.13 11.80
N TYR B 210 -16.75 9.79 10.53
CA TYR B 210 -17.00 10.74 9.41
C TYR B 210 -15.73 11.35 8.80
N TYR B 211 -14.67 11.55 9.58
CA TYR B 211 -13.48 12.23 9.07
C TYR B 211 -12.83 11.39 7.97
N GLY B 212 -12.58 12.04 6.83
CA GLY B 212 -12.12 11.37 5.62
C GLY B 212 -13.24 11.23 4.61
N ASN B 213 -14.47 11.14 5.10
CA ASN B 213 -15.62 10.88 4.25
C ASN B 213 -16.43 12.14 4.00
N GLU B 214 -17.30 12.49 4.93
CA GLU B 214 -18.19 13.63 4.76
C GLU B 214 -17.42 14.95 4.91
N ILE B 215 -16.29 14.88 5.62
CA ILE B 215 -15.38 16.00 5.71
C ILE B 215 -13.97 15.46 5.56
N GLY B 216 -13.00 16.35 5.33
CA GLY B 216 -11.61 15.94 5.19
C GLY B 216 -11.09 15.21 6.41
N ALA B 217 -10.17 14.28 6.20
CA ALA B 217 -9.45 13.66 7.28
C ALA B 217 -8.36 14.64 7.75
N THR B 218 -8.05 14.61 9.04
CA THR B 218 -7.06 15.51 9.65
C THR B 218 -6.17 14.76 10.61
N SER B 219 -5.00 15.34 10.87
CA SER B 219 -4.09 14.78 11.86
C SER B 219 -4.69 14.84 13.27
N TYR B 220 -5.53 15.82 13.55
CA TYR B 220 -6.06 15.97 14.89
C TYR B 220 -7.24 15.03 15.17
N GLU B 221 -7.68 14.29 14.15
CA GLU B 221 -8.71 13.26 14.38
C GLU B 221 -8.22 11.84 14.09
N ALA B 222 -6.90 11.67 13.98
CA ALA B 222 -6.33 10.34 13.79
C ALA B 222 -6.46 9.57 15.10
N ARG B 223 -7.09 8.40 15.05
CA ARG B 223 -7.33 7.62 16.26
C ARG B 223 -6.38 6.45 16.39
N ASP B 224 -5.79 6.03 15.28
CA ASP B 224 -4.96 4.83 15.25
C ASP B 224 -3.48 5.17 15.31
N ALA B 225 -3.15 6.27 15.97
CA ALA B 225 -1.77 6.67 16.12
C ALA B 225 -1.44 6.59 17.61
N ASP B 226 -0.14 6.69 17.91
CA ASP B 226 0.36 6.71 19.26
C ASP B 226 0.11 8.11 19.82
N ASP B 227 -0.86 8.24 20.72
CA ASP B 227 -1.22 9.58 21.18
C ASP B 227 -0.09 10.24 21.98
N ARG B 228 0.94 9.49 22.31
CA ARG B 228 2.11 10.05 22.99
C ARG B 228 2.81 11.04 22.06
N GLU B 229 2.79 10.74 20.77
CA GLU B 229 3.36 11.60 19.75
C GLU B 229 2.95 11.04 18.40
N LYS B 230 1.84 11.53 17.85
CA LYS B 230 1.22 10.89 16.72
C LYS B 230 2.03 11.09 15.46
N HIS B 231 2.56 12.29 15.30
CA HIS B 231 3.13 12.68 14.00
C HIS B 231 4.48 13.39 14.10
N PRO B 232 5.53 12.65 14.49
CA PRO B 232 6.88 13.21 14.54
C PRO B 232 7.46 13.43 13.15
N ALA B 233 8.43 14.32 13.05
CA ALA B 233 9.12 14.55 11.78
C ALA B 233 10.61 14.65 12.03
N GLU B 234 11.41 14.22 11.06
CA GLU B 234 12.86 14.28 11.17
C GLU B 234 13.44 14.90 9.92
N TYR B 235 14.47 15.73 10.06
CA TYR B 235 15.10 16.36 8.91
C TYR B 235 16.62 16.40 9.07
N THR B 236 17.32 16.28 7.93
CA THR B 236 18.76 16.48 7.87
C THR B 236 19.03 17.57 6.82
N VAL B 237 19.68 18.63 7.27
CA VAL B 237 20.01 19.73 6.39
C VAL B 237 21.50 19.75 6.14
N ASP B 238 21.87 19.63 4.88
CA ASP B 238 23.24 19.65 4.45
C ASP B 238 23.57 21.06 3.96
N PHE B 239 24.27 21.82 4.81
CA PHE B 239 24.62 23.20 4.47
C PHE B 239 25.87 23.26 3.63
N ASP B 240 26.47 22.10 3.34
CA ASP B 240 27.55 22.05 2.39
C ASP B 240 26.95 22.04 0.98
N ASN B 241 26.15 21.03 0.70
CA ASN B 241 25.54 20.85 -0.62
C ASN B 241 24.21 21.59 -0.79
N LYS B 242 23.71 22.21 0.27
CA LYS B 242 22.46 22.98 0.23
C LYS B 242 21.25 22.08 -0.11
N THR B 243 21.06 21.03 0.69
CA THR B 243 19.95 20.11 0.49
C THR B 243 19.27 19.83 1.82
N LEU B 244 18.00 19.47 1.73
CA LEU B 244 17.24 19.04 2.88
C LEU B 244 16.60 17.70 2.54
N ASN B 245 16.72 16.75 3.49
CA ASN B 245 16.02 15.48 3.43
C ASN B 245 15.29 15.26 4.73
N GLY B 246 14.13 14.64 4.68
CA GLY B 246 13.37 14.44 5.89
C GLY B 246 12.33 13.36 5.78
N LYS B 247 11.72 13.07 6.92
CA LYS B 247 10.68 12.05 6.98
C LYS B 247 9.54 12.60 7.79
N LEU B 248 8.33 12.49 7.22
CA LEU B 248 7.11 12.77 7.97
C LEU B 248 6.53 11.43 8.39
N ILE B 249 6.50 11.22 9.71
CA ILE B 249 6.28 9.91 10.29
C ILE B 249 4.97 9.84 11.09
N LYS B 250 4.35 8.67 11.06
CA LYS B 250 3.24 8.35 11.95
C LYS B 250 3.75 7.30 12.93
N ASN B 251 3.65 7.60 14.22
CA ASN B 251 3.86 6.60 15.25
C ASN B 251 2.60 5.77 15.38
N GLN B 252 2.70 4.51 15.02
CA GLN B 252 1.54 3.64 14.95
C GLN B 252 1.05 3.27 16.33
N TYR B 253 -0.23 2.93 16.36
CA TYR B 253 -0.93 2.57 17.58
C TYR B 253 -0.22 1.42 18.26
N VAL B 254 -0.04 1.50 19.57
CA VAL B 254 0.56 0.39 20.31
C VAL B 254 -0.45 -0.13 21.34
N GLN B 255 -0.47 -1.44 21.51
CA GLN B 255 -1.48 -2.08 22.34
C GLN B 255 -1.24 -1.79 23.82
N ASN B 256 0.02 -1.80 24.23
CA ASN B 256 0.37 -1.53 25.62
C ASN B 256 0.30 -0.03 25.83
N LYS B 257 -0.78 0.43 26.42
CA LYS B 257 -0.93 1.85 26.70
C LYS B 257 -0.58 2.20 28.15
N SER B 258 -0.25 1.22 28.99
CA SER B 258 0.03 1.52 30.39
C SER B 258 1.49 1.90 30.66
N ASN B 259 2.42 1.35 29.88
CA ASN B 259 3.85 1.64 30.08
C ASN B 259 4.25 2.86 29.24
N PRO B 260 4.56 4.00 29.91
CA PRO B 260 4.93 5.22 29.17
C PRO B 260 6.19 5.09 28.33
N ASN B 261 7.01 4.10 28.63
CA ASN B 261 8.23 3.88 27.87
C ASN B 261 8.10 2.74 26.87
N GLU B 262 6.87 2.34 26.56
CA GLU B 262 6.66 1.36 25.52
C GLU B 262 7.31 1.87 24.22
N PRO B 263 8.06 1.01 23.51
CA PRO B 263 8.70 1.48 22.28
C PRO B 263 7.70 1.96 21.22
N LYS B 264 8.09 2.97 20.46
CA LYS B 264 7.24 3.47 19.37
C LYS B 264 7.35 2.58 18.13
N LYS B 265 6.35 2.69 17.25
CA LYS B 265 6.26 1.90 16.04
C LYS B 265 6.16 2.84 14.82
N PRO B 266 7.23 3.57 14.55
CA PRO B 266 7.21 4.56 13.45
C PRO B 266 6.93 3.97 12.07
N LEU B 267 6.15 4.70 11.29
CA LEU B 267 5.92 4.42 9.88
C LEU B 267 6.12 5.70 9.08
N THR B 268 7.07 5.67 8.17
CA THR B 268 7.29 6.82 7.30
C THR B 268 6.14 6.96 6.31
N ILE B 269 5.49 8.12 6.33
CA ILE B 269 4.42 8.40 5.39
C ILE B 269 4.97 9.12 4.14
N TYR B 270 5.72 10.21 4.34
CA TYR B 270 6.37 10.95 3.26
C TYR B 270 7.86 11.06 3.46
N ASP B 271 8.60 10.86 2.37
CA ASP B 271 10.00 11.27 2.28
C ASP B 271 10.04 12.65 1.66
N ILE B 272 10.72 13.56 2.31
CA ILE B 272 10.90 14.92 1.83
C ILE B 272 12.28 15.10 1.25
N THR B 273 12.35 15.79 0.11
CA THR B 273 13.61 16.20 -0.48
C THR B 273 13.45 17.63 -0.91
N ALA B 274 14.50 18.43 -0.75
CA ALA B 274 14.43 19.84 -1.11
C ALA B 274 15.81 20.46 -1.30
N THR B 275 15.82 21.56 -2.05
CA THR B 275 17.03 22.33 -2.29
C THR B 275 16.90 23.68 -1.61
N LEU B 276 17.98 24.13 -0.98
CA LEU B 276 18.02 25.43 -0.32
C LEU B 276 18.34 26.55 -1.30
N ASP B 277 17.76 27.71 -1.03
CA ASP B 277 17.97 28.93 -1.83
C ASP B 277 17.64 30.11 -0.93
N GLY B 278 18.66 30.84 -0.51
CA GLY B 278 18.48 31.88 0.49
C GLY B 278 18.07 31.22 1.80
N ASN B 279 17.05 31.77 2.47
CA ASN B 279 16.51 31.16 3.67
C ASN B 279 15.25 30.33 3.39
N ARG B 280 15.08 29.94 2.13
CA ARG B 280 13.97 29.07 1.74
C ARG B 280 14.47 27.73 1.26
N PHE B 281 13.54 26.78 1.13
CA PHE B 281 13.82 25.58 0.39
C PHE B 281 12.56 25.14 -0.34
N THR B 282 12.78 24.46 -1.46
CA THR B 282 11.75 24.02 -2.37
C THR B 282 12.00 22.58 -2.71
N GLY B 283 10.94 21.76 -2.78
CA GLY B 283 11.13 20.38 -3.18
C GLY B 283 9.86 19.57 -3.26
N SER B 284 9.95 18.31 -2.86
CA SER B 284 8.84 17.35 -3.01
C SER B 284 8.59 16.55 -1.74
N ALA B 285 7.35 16.10 -1.59
CA ALA B 285 6.99 15.07 -0.61
C ALA B 285 6.54 13.85 -1.39
N LYS B 286 7.13 12.68 -1.12
CA LYS B 286 6.76 11.47 -1.84
C LYS B 286 6.32 10.39 -0.88
N VAL B 287 5.18 9.79 -1.21
CA VAL B 287 4.66 8.70 -0.42
C VAL B 287 5.66 7.57 -0.43
N SER B 288 5.96 7.07 0.76
CA SER B 288 6.88 5.97 0.89
C SER B 288 6.30 4.72 0.25
N THR B 289 7.18 3.95 -0.36
CA THR B 289 6.86 2.68 -0.97
C THR B 289 6.23 1.76 0.05
N GLU B 290 6.75 1.82 1.28
CA GLU B 290 6.23 0.97 2.36
C GLU B 290 4.73 1.20 2.59
N VAL B 291 4.30 2.45 2.57
CA VAL B 291 2.88 2.76 2.71
C VAL B 291 2.08 2.08 1.58
N LYS B 292 2.60 2.15 0.35
CA LYS B 292 1.91 1.61 -0.82
C LYS B 292 1.75 0.09 -0.75
N THR B 293 2.78 -0.61 -0.29
CA THR B 293 2.83 -2.05 -0.40
C THR B 293 2.35 -2.75 0.86
N GLN B 294 2.53 -2.13 2.02
CA GLN B 294 2.23 -2.78 3.29
C GLN B 294 1.03 -2.15 3.98
N HIS B 295 0.52 -1.03 3.46
CA HIS B 295 -0.61 -0.34 4.09
C HIS B 295 -1.64 0.15 3.07
N ALA B 296 -1.83 -0.66 2.03
CA ALA B 296 -2.71 -0.34 0.91
C ALA B 296 -4.18 -0.15 1.33
N ASP B 297 -4.60 -0.83 2.39
CA ASP B 297 -6.00 -0.84 2.83
C ASP B 297 -6.27 0.14 3.94
N LYS B 298 -5.26 0.90 4.36
CA LYS B 298 -5.44 1.91 5.39
C LYS B 298 -4.75 3.23 5.02
N GLU B 299 -3.50 3.40 5.44
CA GLU B 299 -2.80 4.67 5.26
C GLU B 299 -2.74 5.11 3.79
N TYR B 300 -2.62 4.15 2.88
CA TYR B 300 -2.51 4.46 1.46
C TYR B 300 -3.79 5.07 0.90
N LEU B 301 -4.93 4.75 1.51
CA LEU B 301 -6.21 5.28 1.06
C LEU B 301 -6.29 6.81 1.26
N PHE B 302 -5.38 7.35 2.08
CA PHE B 302 -5.31 8.79 2.35
C PHE B 302 -4.03 9.39 1.76
N PHE B 303 -2.93 8.66 1.90
CA PHE B 303 -1.65 9.12 1.38
C PHE B 303 -1.22 8.29 0.18
N HIS B 304 -1.60 8.73 -1.01
CA HIS B 304 -1.42 7.93 -2.22
C HIS B 304 -0.77 8.68 -3.37
N THR B 305 -0.68 10.01 -3.29
CA THR B 305 -0.13 10.80 -4.39
C THR B 305 0.99 11.72 -3.89
N ASP B 306 2.06 11.84 -4.68
CA ASP B 306 3.21 12.68 -4.29
C ASP B 306 2.85 14.16 -4.39
N ALA B 307 3.69 15.01 -3.78
CA ALA B 307 3.65 16.45 -4.00
C ALA B 307 4.94 16.81 -4.73
N ASP B 308 4.93 16.73 -6.06
CA ASP B 308 6.15 16.90 -6.84
C ASP B 308 6.43 18.37 -7.10
N GLN B 309 7.56 18.86 -6.61
CA GLN B 309 7.90 20.28 -6.70
C GLN B 309 6.76 21.12 -6.11
N ARG B 310 6.10 20.58 -5.09
CA ARG B 310 4.96 21.27 -4.48
C ARG B 310 5.13 21.35 -2.97
N LEU B 311 6.39 21.26 -2.53
CA LEU B 311 6.75 21.49 -1.15
C LEU B 311 7.62 22.76 -1.06
N GLU B 312 7.25 23.63 -0.13
CA GLU B 312 7.95 24.89 0.10
C GLU B 312 8.07 25.12 1.59
N GLY B 313 9.22 25.57 2.05
CA GLY B 313 9.38 25.95 3.43
C GLY B 313 10.51 26.94 3.60
N GLY B 314 10.91 27.17 4.83
CA GLY B 314 12.01 28.07 5.10
C GLY B 314 12.53 27.93 6.51
N PHE B 315 13.63 28.61 6.79
CA PHE B 315 14.26 28.61 8.09
C PHE B 315 13.84 29.84 8.88
N PHE B 316 13.66 29.63 10.18
CA PHE B 316 13.24 30.68 11.09
C PHE B 316 14.12 30.68 12.31
N GLY B 317 14.17 31.83 12.95
CA GLY B 317 15.14 32.17 13.97
C GLY B 317 16.29 32.79 13.19
N ASP B 318 17.01 33.72 13.79
CA ASP B 318 18.00 34.48 13.03
C ASP B 318 19.11 33.63 12.41
N ASN B 319 19.46 32.51 13.05
CA ASN B 319 20.51 31.63 12.55
C ASN B 319 20.01 30.25 12.14
N GLY B 320 18.74 30.17 11.79
CA GLY B 320 18.15 28.94 11.27
C GLY B 320 18.03 27.88 12.33
N GLU B 321 17.71 28.31 13.55
CA GLU B 321 17.49 27.39 14.64
C GLU B 321 16.34 26.44 14.37
N GLU B 322 15.38 26.90 13.56
CA GLU B 322 14.17 26.13 13.29
C GLU B 322 13.76 26.24 11.82
N LEU B 323 12.82 25.40 11.41
CA LEU B 323 12.33 25.41 10.04
C LEU B 323 10.84 25.06 10.03
N ALA B 324 10.15 25.47 8.98
CA ALA B 324 8.73 25.11 8.83
C ALA B 324 8.29 25.23 7.39
N GLY B 325 7.21 24.56 7.05
CA GLY B 325 6.71 24.67 5.70
C GLY B 325 5.45 23.86 5.45
N ARG B 326 5.15 23.73 4.17
CA ARG B 326 3.93 23.12 3.70
C ARG B 326 4.13 22.40 2.37
N PHE B 327 3.17 21.53 2.04
CA PHE B 327 3.10 20.90 0.73
C PHE B 327 1.65 20.57 0.41
N ILE B 328 1.38 20.36 -0.87
CA ILE B 328 0.06 19.92 -1.30
C ILE B 328 0.25 18.93 -2.45
N SER B 329 -0.37 17.76 -2.33
CA SER B 329 -0.14 16.68 -3.28
C SER B 329 -0.64 17.06 -4.67
N ASN B 330 -0.14 16.37 -5.70
CA ASN B 330 -0.40 16.73 -7.09
C ASN B 330 -1.88 16.75 -7.43
N ASP B 331 -2.66 15.88 -6.79
CA ASP B 331 -4.09 15.79 -7.06
C ASP B 331 -4.93 16.51 -5.99
N ASN B 332 -4.26 17.32 -5.16
CA ASN B 332 -4.91 18.11 -4.10
C ASN B 332 -5.67 17.23 -3.11
N SER B 333 -5.09 16.05 -2.84
CA SER B 333 -5.71 15.10 -1.90
C SER B 333 -5.24 15.31 -0.46
N VAL B 334 -4.08 15.94 -0.30
CA VAL B 334 -3.54 16.23 1.03
C VAL B 334 -2.81 17.55 1.03
N PHE B 335 -3.07 18.34 2.06
CA PHE B 335 -2.27 19.53 2.38
C PHE B 335 -1.55 19.23 3.67
N GLY B 336 -0.22 19.32 3.67
CA GLY B 336 0.54 19.02 4.88
C GLY B 336 1.33 20.22 5.34
N VAL B 337 1.53 20.33 6.64
CA VAL B 337 2.40 21.34 7.22
C VAL B 337 3.36 20.67 8.19
N PHE B 338 4.54 21.25 8.35
CA PHE B 338 5.57 20.63 9.14
C PHE B 338 6.49 21.67 9.76
N ALA B 339 7.14 21.26 10.83
CA ALA B 339 8.02 22.15 11.58
C ALA B 339 9.16 21.35 12.15
N GLY B 340 10.25 22.04 12.51
CA GLY B 340 11.40 21.36 13.06
C GLY B 340 12.28 22.30 13.84
N LYS B 341 13.04 21.73 14.75
CA LYS B 341 13.97 22.45 15.63
C LYS B 341 15.31 21.71 15.65
N GLN B 342 16.41 22.45 15.62
CA GLN B 342 17.74 21.84 15.71
C GLN B 342 17.88 20.96 16.96
N LYS B 343 18.52 19.80 16.80
CA LYS B 343 18.69 18.88 17.94
C LYS B 343 19.73 19.40 18.92
#